data_7D2J
#
_entry.id   7D2J
#
_cell.length_a   55.127
_cell.length_b   71.936
_cell.length_c   80.186
_cell.angle_alpha   90.000
_cell.angle_beta   90.000
_cell.angle_gamma   90.000
#
_symmetry.space_group_name_H-M   'P 21 21 21'
#
loop_
_entity.id
_entity.type
_entity.pdbx_description
1 polymer 'Glutaminyl-peptide cyclotransferase'
2 non-polymer 'CADMIUM ION'
3 non-polymer 'BICARBONATE ION'
4 water water
#
_entity_poly.entity_id   1
_entity_poly.type   'polypeptide(L)'
_entity_poly.pdbx_seq_one_letter_code
;WHDLKWPRDLRPLAHHDLLYMGQISEEDRGDFNATLRNFLVPRVVGSQKHREVREFIVRSLKDLDWDVEEDCFDGQTPHG
IKPFCNVIATLNPSACHRLVLACHYDSLLHKEGTFIGATDSAVPCAQLLYLARSLNGKLQNQKTRGDGLTLQLVFFDGEE
AFERWSSHDSLYGSRHLAQKWHEDRTSAERLESCLERSEIANQIDRMEVMVLLDLLGAENPRFYSYFGETQPVYRRLVNI
ESRLNDAGLMELPRRRRRTNYFSNSSTVGFIEDDHIPFLKRSVPIVHIIPSPFPDVWHTLDDNEQNLHHPTISNLNKIFK
AFVSEYLQL
;
_entity_poly.pdbx_strand_id   A
#
loop_
_chem_comp.id
_chem_comp.type
_chem_comp.name
_chem_comp.formula
BCT non-polymer 'BICARBONATE ION' 'C H O3 -1'
CD non-polymer 'CADMIUM ION' 'Cd 2'
#
# COMPACT_ATOMS: atom_id res chain seq x y z
N LEU A 4 -12.90 16.49 -14.02
CA LEU A 4 -12.82 15.38 -15.00
C LEU A 4 -13.20 14.10 -14.26
N LYS A 5 -13.91 13.25 -14.95
CA LYS A 5 -14.30 12.01 -14.32
C LYS A 5 -13.11 11.06 -14.19
N TRP A 6 -13.21 10.15 -13.24
CA TRP A 6 -12.24 9.07 -13.14
C TRP A 6 -12.29 8.26 -14.45
N PRO A 7 -11.12 7.83 -14.98
CA PRO A 7 -11.08 7.15 -16.27
C PRO A 7 -11.79 5.79 -16.34
N ARG A 8 -12.03 5.19 -15.19
CA ARG A 8 -12.64 3.89 -15.07
C ARG A 8 -13.94 4.03 -14.31
N ASP A 9 -15.03 3.53 -14.89
CA ASP A 9 -16.34 3.67 -14.26
C ASP A 9 -16.38 2.78 -13.02
N LEU A 10 -16.68 3.37 -11.85
CA LEU A 10 -16.51 2.71 -10.56
C LEU A 10 -17.82 2.06 -10.08
N ARG A 11 -17.98 0.76 -10.37
CA ARG A 11 -19.20 0.00 -10.12
C ARG A 11 -19.40 -0.31 -8.64
N PRO A 12 -20.48 0.19 -8.02
CA PRO A 12 -20.60 -0.06 -6.59
C PRO A 12 -20.64 -1.53 -6.19
N LEU A 13 -19.90 -1.85 -5.14
CA LEU A 13 -19.82 -3.21 -4.65
C LEU A 13 -21.23 -3.72 -4.26
N ALA A 14 -21.63 -4.86 -4.80
CA ALA A 14 -22.89 -5.46 -4.41
C ALA A 14 -22.90 -5.79 -2.91
N HIS A 15 -24.08 -5.69 -2.32
CA HIS A 15 -24.26 -6.01 -0.91
C HIS A 15 -23.64 -7.36 -0.52
N HIS A 16 -23.83 -8.37 -1.35
CA HIS A 16 -23.36 -9.71 -1.02
C HIS A 16 -21.82 -9.68 -0.90
N ASP A 17 -21.20 -8.98 -1.83
CA ASP A 17 -19.74 -8.90 -1.88
C ASP A 17 -19.18 -8.03 -0.77
N LEU A 18 -19.90 -6.98 -0.39
CA LEU A 18 -19.52 -6.19 0.76
C LEU A 18 -19.49 -7.07 2.01
N LEU A 19 -20.56 -7.82 2.23
CA LEU A 19 -20.62 -8.67 3.43
C LEU A 19 -19.52 -9.74 3.47
N TYR A 20 -19.22 -10.33 2.32
CA TYR A 20 -18.22 -11.37 2.27
C TYR A 20 -16.82 -10.77 2.56
N MET A 21 -16.55 -9.60 1.99
CA MET A 21 -15.25 -8.98 2.17
C MET A 21 -15.10 -8.42 3.57
N GLY A 22 -16.22 -8.19 4.25
CA GLY A 22 -16.19 -7.68 5.62
C GLY A 22 -16.19 -8.74 6.69
N GLN A 23 -16.10 -10.01 6.28
CA GLN A 23 -16.00 -11.09 7.26
C GLN A 23 -14.52 -11.44 7.48
N ILE A 24 -14.11 -11.47 8.75
CA ILE A 24 -12.78 -11.94 9.12
C ILE A 24 -12.97 -13.17 10.02
N SER A 25 -12.52 -14.33 9.55
CA SER A 25 -12.58 -15.55 10.35
C SER A 25 -11.44 -15.55 11.39
N GLU A 26 -11.51 -16.50 12.31
CA GLU A 26 -10.45 -16.71 13.29
C GLU A 26 -9.14 -17.09 12.58
N GLU A 27 -9.27 -17.94 11.57
CA GLU A 27 -8.17 -18.29 10.67
C GLU A 27 -7.45 -17.08 10.09
N ASP A 28 -8.23 -16.11 9.60
CA ASP A 28 -7.69 -14.91 8.96
C ASP A 28 -6.89 -14.05 9.93
N ARG A 29 -7.40 -13.89 11.14
CA ARG A 29 -6.68 -13.19 12.20
C ARG A 29 -5.34 -13.86 12.46
N GLY A 30 -5.37 -15.18 12.59
CA GLY A 30 -4.17 -15.97 12.77
C GLY A 30 -3.22 -15.80 11.60
N ASP A 31 -3.76 -15.84 10.39
CA ASP A 31 -2.93 -15.68 9.20
C ASP A 31 -2.33 -14.29 9.13
N PHE A 32 -3.13 -13.26 9.35
CA PHE A 32 -2.59 -11.91 9.33
C PHE A 32 -1.46 -11.76 10.35
N ASN A 33 -1.71 -12.19 11.59
CA ASN A 33 -0.68 -12.04 12.64
C ASN A 33 0.60 -12.83 12.40
N ALA A 34 0.47 -14.03 11.81
CA ALA A 34 1.63 -14.83 11.44
C ALA A 34 2.46 -14.12 10.37
N THR A 35 1.78 -13.53 9.38
CA THR A 35 2.45 -12.73 8.36
C THR A 35 3.14 -11.54 9.03
N LEU A 36 2.40 -10.82 9.85
CA LEU A 36 2.93 -9.62 10.53
C LEU A 36 4.20 -9.91 11.35
N ARG A 37 4.25 -11.05 12.01
CA ARG A 37 5.41 -11.46 12.82
C ARG A 37 6.73 -11.37 12.04
N ASN A 38 6.66 -11.69 10.75
CA ASN A 38 7.82 -11.67 9.89
C ASN A 38 8.41 -10.27 9.72
N PHE A 39 7.56 -9.24 9.89
CA PHE A 39 7.99 -7.86 9.71
C PHE A 39 8.33 -7.14 11.01
N LEU A 40 8.00 -7.73 12.15
CA LEU A 40 8.20 -7.08 13.46
C LEU A 40 9.61 -7.34 13.98
N VAL A 41 10.57 -6.89 13.16
CA VAL A 41 12.01 -7.02 13.38
C VAL A 41 12.67 -5.74 12.86
N PRO A 42 13.80 -5.35 13.46
CA PRO A 42 14.54 -4.25 12.87
C PRO A 42 15.03 -4.68 11.49
N ARG A 43 14.88 -3.80 10.50
CA ARG A 43 15.18 -4.13 9.10
C ARG A 43 15.78 -2.88 8.44
N VAL A 44 16.89 -2.42 9.02
CA VAL A 44 17.57 -1.26 8.47
C VAL A 44 18.30 -1.65 7.19
N VAL A 45 18.37 -0.70 6.26
CA VAL A 45 19.06 -0.89 4.99
C VAL A 45 20.48 -1.35 5.28
N GLY A 46 20.92 -2.38 4.58
CA GLY A 46 22.25 -2.94 4.80
C GLY A 46 22.30 -4.16 5.71
N SER A 47 21.20 -4.45 6.42
CA SER A 47 21.23 -5.50 7.44
C SER A 47 20.76 -6.85 6.93
N GLN A 48 21.12 -7.89 7.65
CA GLN A 48 20.68 -9.23 7.33
C GLN A 48 19.17 -9.35 7.45
N LYS A 49 18.58 -8.81 8.50
CA LYS A 49 17.14 -8.98 8.70
C LYS A 49 16.40 -8.30 7.55
N HIS A 50 16.92 -7.17 7.09
CA HIS A 50 16.35 -6.47 5.92
C HIS A 50 16.37 -7.37 4.69
N ARG A 51 17.47 -8.07 4.46
CA ARG A 51 17.54 -9.05 3.38
C ARG A 51 16.54 -10.18 3.57
N GLU A 52 16.37 -10.64 4.81
CA GLU A 52 15.40 -11.70 5.12
C GLU A 52 13.97 -11.24 4.87
N VAL A 53 13.68 -9.99 5.20
CA VAL A 53 12.33 -9.45 4.99
C VAL A 53 12.07 -9.34 3.49
N ARG A 54 13.05 -8.84 2.75
CA ARG A 54 12.91 -8.73 1.30
C ARG A 54 12.63 -10.10 0.70
N GLU A 55 13.41 -11.10 1.11
CA GLU A 55 13.26 -12.45 0.56
C GLU A 55 11.91 -13.06 0.92
N PHE A 56 11.41 -12.76 2.12
CA PHE A 56 10.10 -13.24 2.55
C PHE A 56 8.98 -12.64 1.70
N ILE A 57 9.06 -11.33 1.42
CA ILE A 57 8.07 -10.70 0.55
C ILE A 57 8.09 -11.38 -0.82
N VAL A 58 9.27 -11.50 -1.39
CA VAL A 58 9.44 -12.12 -2.72
C VAL A 58 8.90 -13.56 -2.74
N ARG A 59 9.26 -14.37 -1.76
CA ARG A 59 8.82 -15.78 -1.70
C ARG A 59 7.30 -15.89 -1.59
N SER A 60 6.73 -15.10 -0.69
CA SER A 60 5.30 -15.12 -0.42
C SER A 60 4.50 -14.81 -1.69
N LEU A 61 5.00 -13.87 -2.50
CA LEU A 61 4.28 -13.49 -3.72
C LEU A 61 4.56 -14.41 -4.89
N LYS A 62 5.79 -14.91 -5.02
CA LYS A 62 6.06 -15.96 -6.03
C LYS A 62 5.23 -17.20 -5.76
N ASP A 63 5.03 -17.54 -4.48
CA ASP A 63 4.20 -18.69 -4.10
C ASP A 63 2.75 -18.54 -4.52
N LEU A 64 2.27 -17.30 -4.65
CA LEU A 64 0.92 -17.01 -5.14
C LEU A 64 0.87 -16.81 -6.66
N ASP A 65 1.97 -17.14 -7.33
CA ASP A 65 2.06 -17.08 -8.78
C ASP A 65 2.00 -15.66 -9.33
N TRP A 66 2.46 -14.68 -8.55
CA TRP A 66 2.61 -13.33 -9.07
C TRP A 66 3.96 -13.21 -9.77
N ASP A 67 4.05 -12.30 -10.72
CA ASP A 67 5.33 -11.90 -11.28
C ASP A 67 6.05 -11.00 -10.26
N VAL A 68 7.27 -11.36 -9.86
CA VAL A 68 7.98 -10.55 -8.86
C VAL A 68 9.32 -10.10 -9.41
N GLU A 69 9.53 -8.79 -9.41
CA GLU A 69 10.77 -8.20 -9.85
C GLU A 69 11.41 -7.45 -8.69
N GLU A 70 12.73 -7.42 -8.69
CA GLU A 70 13.46 -6.65 -7.69
C GLU A 70 14.23 -5.56 -8.43
N ASP A 71 14.01 -4.31 -8.03
CA ASP A 71 14.67 -3.17 -8.60
C ASP A 71 15.79 -2.81 -7.63
N CYS A 72 16.98 -3.38 -7.86
CA CYS A 72 18.11 -3.26 -6.95
C CYS A 72 19.14 -2.31 -7.54
N PHE A 73 19.72 -1.49 -6.66
CA PHE A 73 20.71 -0.50 -7.06
C PHE A 73 21.51 -0.08 -5.83
N ASP A 74 22.71 0.46 -6.05
CA ASP A 74 23.49 1.04 -4.96
C ASP A 74 23.32 2.54 -5.04
N GLY A 75 23.19 3.19 -3.89
CA GLY A 75 22.99 4.62 -3.85
C GLY A 75 23.83 5.27 -2.77
N GLN A 76 24.35 6.46 -3.06
CA GLN A 76 25.09 7.28 -2.08
C GLN A 76 24.16 7.76 -0.99
N THR A 77 24.62 7.69 0.25
CA THR A 77 23.87 8.18 1.40
C THR A 77 24.84 8.93 2.30
N PRO A 78 24.30 9.63 3.32
CA PRO A 78 25.20 10.19 4.34
C PRO A 78 26.04 9.14 5.09
N HIS A 79 25.67 7.87 5.03
CA HIS A 79 26.45 6.77 5.62
C HIS A 79 27.24 5.98 4.56
N GLY A 80 27.56 6.62 3.45
CA GLY A 80 28.27 5.95 2.35
C GLY A 80 27.34 5.20 1.41
N ILE A 81 27.92 4.44 0.48
CA ILE A 81 27.14 3.64 -0.46
C ILE A 81 26.31 2.60 0.28
N LYS A 82 25.05 2.48 -0.11
CA LYS A 82 24.17 1.47 0.44
C LYS A 82 23.41 0.74 -0.66
N PRO A 83 23.13 -0.55 -0.45
CA PRO A 83 22.35 -1.34 -1.39
C PRO A 83 20.87 -1.14 -1.11
N PHE A 84 20.07 -0.94 -2.15
CA PHE A 84 18.62 -0.82 -2.01
C PHE A 84 17.96 -1.79 -2.97
N CYS A 85 16.79 -2.30 -2.60
CA CYS A 85 16.02 -3.18 -3.50
C CYS A 85 14.52 -2.96 -3.31
N ASN A 86 13.88 -2.30 -4.28
CA ASN A 86 12.42 -2.24 -4.32
C ASN A 86 11.90 -3.59 -4.76
N VAL A 87 10.75 -3.99 -4.22
CA VAL A 87 10.12 -5.23 -4.66
C VAL A 87 8.81 -4.84 -5.35
N ILE A 88 8.66 -5.31 -6.59
CA ILE A 88 7.48 -4.99 -7.40
C ILE A 88 6.82 -6.30 -7.80
N ALA A 89 5.59 -6.52 -7.35
CA ALA A 89 4.87 -7.75 -7.63
C ALA A 89 3.65 -7.38 -8.47
N THR A 90 3.49 -8.06 -9.60
CA THR A 90 2.41 -7.75 -10.54
C THR A 90 1.62 -9.02 -10.81
N LEU A 91 0.31 -8.97 -10.57
CA LEU A 91 -0.54 -10.13 -10.75
C LEU A 91 -0.58 -10.55 -12.23
N ASN A 92 -0.82 -9.58 -13.09
CA ASN A 92 -0.82 -9.82 -14.54
C ASN A 92 0.02 -8.78 -15.26
N PRO A 93 1.32 -9.08 -15.47
CA PRO A 93 2.23 -8.15 -16.11
C PRO A 93 1.74 -7.53 -17.42
N SER A 94 1.05 -8.32 -18.24
CA SER A 94 0.62 -7.81 -19.55
C SER A 94 -0.57 -6.85 -19.51
N ALA A 95 -1.33 -6.86 -18.42
CA ALA A 95 -2.45 -5.92 -18.29
C ALA A 95 -1.97 -4.47 -18.36
N CYS A 96 -2.60 -3.69 -19.23
CA CYS A 96 -2.17 -2.33 -19.47
C CYS A 96 -2.12 -1.49 -18.19
N HIS A 97 -3.21 -1.54 -17.43
CA HIS A 97 -3.39 -0.66 -16.26
C HIS A 97 -3.24 -1.42 -14.95
N ARG A 98 -2.67 -0.73 -13.96
CA ARG A 98 -2.44 -1.29 -12.63
C ARG A 98 -3.06 -0.43 -11.55
N LEU A 99 -3.84 -1.08 -10.69
CA LEU A 99 -4.14 -0.55 -9.37
C LEU A 99 -2.93 -0.89 -8.51
N VAL A 100 -2.20 0.12 -8.08
CA VAL A 100 -0.95 -0.05 -7.36
C VAL A 100 -1.20 0.22 -5.88
N LEU A 101 -0.88 -0.76 -5.03
CA LEU A 101 -0.86 -0.54 -3.60
C LEU A 101 0.59 -0.60 -3.16
N ALA A 102 0.96 0.22 -2.19
CA ALA A 102 2.38 0.38 -1.87
C ALA A 102 2.63 0.73 -0.42
N CYS A 103 3.87 0.50 0.00
CA CYS A 103 4.34 0.84 1.31
C CYS A 103 5.86 0.75 1.28
N HIS A 104 6.52 1.05 2.38
CA HIS A 104 7.96 0.88 2.49
C HIS A 104 8.31 -0.24 3.46
N TYR A 105 9.34 -1.02 3.14
CA TYR A 105 9.71 -2.14 4.01
C TYR A 105 10.97 -1.96 4.86
N ASP A 106 11.73 -0.88 4.60
CA ASP A 106 12.90 -0.55 5.42
C ASP A 106 12.43 0.04 6.74
N SER A 107 13.27 -0.05 7.77
CA SER A 107 13.00 0.61 9.05
C SER A 107 14.07 1.64 9.37
N LEU A 108 13.64 2.67 10.07
CA LEU A 108 14.48 3.79 10.44
C LEU A 108 15.65 3.35 11.30
N LEU A 109 16.83 3.84 10.96
CA LEU A 109 18.03 3.68 11.78
C LEU A 109 17.97 4.78 12.84
N HIS A 110 17.54 4.40 14.04
CA HIS A 110 17.24 5.29 15.14
C HIS A 110 18.45 5.35 16.08
N LYS A 111 19.01 6.54 16.29
CA LYS A 111 20.21 6.67 17.12
C LYS A 111 19.99 6.31 18.60
N GLU A 112 18.77 6.47 19.09
CA GLU A 112 18.46 6.11 20.47
C GLU A 112 18.43 4.62 20.73
N GLY A 113 18.30 3.80 19.69
CA GLY A 113 18.28 2.36 19.90
C GLY A 113 17.49 1.57 18.88
N THR A 114 17.32 0.28 19.16
CA THR A 114 16.62 -0.63 18.24
C THR A 114 15.19 -0.18 18.02
N PHE A 115 14.83 -0.04 16.74
CA PHE A 115 13.56 0.51 16.35
C PHE A 115 12.83 -0.49 15.46
N ILE A 116 11.64 -0.90 15.91
CA ILE A 116 10.86 -1.91 15.19
C ILE A 116 10.00 -1.31 14.07
N GLY A 117 9.53 -0.08 14.22
CA GLY A 117 8.67 0.53 13.19
C GLY A 117 7.46 -0.33 12.89
N ALA A 118 6.70 -0.68 13.93
CA ALA A 118 5.53 -1.53 13.76
C ALA A 118 4.45 -0.89 12.86
N THR A 119 4.16 0.39 13.06
CA THR A 119 3.21 1.09 12.19
C THR A 119 3.91 1.55 10.92
N ASP A 120 5.25 1.59 10.98
CA ASP A 120 6.05 2.32 9.96
C ASP A 120 7.19 1.47 9.42
N SER A 121 6.90 0.56 8.51
CA SER A 121 5.54 0.23 8.06
C SER A 121 5.35 -1.29 8.04
N ALA A 122 5.67 -1.92 9.16
CA ALA A 122 5.50 -3.36 9.26
C ALA A 122 4.04 -3.78 9.03
N VAL A 123 3.10 -3.07 9.62
CA VAL A 123 1.68 -3.38 9.44
C VAL A 123 1.26 -3.22 7.97
N PRO A 124 1.54 -2.04 7.35
CA PRO A 124 1.21 -1.94 5.93
C PRO A 124 1.81 -3.06 5.08
N CYS A 125 3.06 -3.46 5.32
CA CYS A 125 3.68 -4.57 4.57
C CYS A 125 2.84 -5.83 4.69
N ALA A 126 2.44 -6.14 5.93
CA ALA A 126 1.67 -7.34 6.20
C ALA A 126 0.30 -7.23 5.57
N GLN A 127 -0.29 -6.03 5.59
CA GLN A 127 -1.61 -5.83 4.98
C GLN A 127 -1.59 -6.09 3.48
N LEU A 128 -0.53 -5.68 2.80
CA LEU A 128 -0.43 -5.96 1.35
C LEU A 128 -0.34 -7.45 1.07
N LEU A 129 0.49 -8.17 1.83
CA LEU A 129 0.63 -9.61 1.63
C LEU A 129 -0.65 -10.31 1.99
N TYR A 130 -1.31 -9.83 3.04
CA TYR A 130 -2.58 -10.43 3.48
C TYR A 130 -3.66 -10.27 2.42
N LEU A 131 -3.70 -9.11 1.78
CA LEU A 131 -4.63 -8.89 0.68
C LEU A 131 -4.40 -9.88 -0.44
N ALA A 132 -3.13 -10.03 -0.83
CA ALA A 132 -2.79 -10.95 -1.93
C ALA A 132 -3.17 -12.38 -1.56
N ARG A 133 -2.87 -12.78 -0.34
CA ARG A 133 -3.15 -14.16 0.08
C ARG A 133 -4.65 -14.40 0.22
N SER A 134 -5.34 -13.50 0.92
CA SER A 134 -6.73 -13.74 1.25
C SER A 134 -7.64 -13.60 0.01
N LEU A 135 -7.25 -12.79 -0.97
CA LEU A 135 -8.03 -12.64 -2.21
C LEU A 135 -7.49 -13.47 -3.37
N ASN A 136 -6.56 -14.40 -3.12
CA ASN A 136 -5.83 -15.01 -4.22
C ASN A 136 -6.74 -15.68 -5.25
N GLY A 137 -7.71 -16.45 -4.78
CA GLY A 137 -8.62 -17.16 -5.66
C GLY A 137 -9.34 -16.21 -6.59
N LYS A 138 -9.93 -15.17 -6.02
CA LYS A 138 -10.66 -14.15 -6.79
C LYS A 138 -9.73 -13.35 -7.70
N LEU A 139 -8.53 -13.05 -7.23
CA LEU A 139 -7.54 -12.37 -8.06
C LEU A 139 -7.09 -13.22 -9.25
N GLN A 140 -6.88 -14.51 -9.02
CA GLN A 140 -6.44 -15.36 -10.11
C GLN A 140 -7.56 -15.51 -11.16
N ASN A 141 -8.82 -15.53 -10.72
CA ASN A 141 -9.93 -15.51 -11.65
C ASN A 141 -10.03 -14.20 -12.41
N GLN A 142 -9.86 -13.08 -11.70
CA GLN A 142 -9.92 -11.79 -12.36
C GLN A 142 -8.85 -11.65 -13.45
N LYS A 143 -7.69 -12.23 -13.19
CA LYS A 143 -6.54 -12.16 -14.09
C LYS A 143 -6.83 -12.76 -15.47
N THR A 144 -7.75 -13.71 -15.52
CA THR A 144 -8.10 -14.41 -16.75
C THR A 144 -9.09 -13.65 -17.65
N ARG A 145 -9.61 -12.52 -17.16
CA ARG A 145 -10.68 -11.80 -17.88
C ARG A 145 -10.27 -11.06 -19.13
N GLY A 146 -8.99 -10.72 -19.25
CA GLY A 146 -8.49 -9.89 -20.37
C GLY A 146 -9.05 -8.48 -20.38
N ASP A 147 -9.34 -7.95 -19.20
CA ASP A 147 -9.98 -6.63 -19.09
C ASP A 147 -9.00 -5.45 -18.99
N GLY A 148 -7.69 -5.72 -19.05
CA GLY A 148 -6.67 -4.69 -19.07
C GLY A 148 -6.37 -4.01 -17.77
N LEU A 149 -6.83 -4.60 -16.67
CA LEU A 149 -6.61 -4.07 -15.32
C LEU A 149 -6.02 -5.19 -14.47
N THR A 150 -5.04 -4.85 -13.63
CA THR A 150 -4.50 -5.81 -12.67
C THR A 150 -4.12 -5.09 -11.37
N LEU A 151 -3.68 -5.91 -10.40
CA LEU A 151 -3.20 -5.42 -9.11
C LEU A 151 -1.68 -5.48 -9.13
N GLN A 152 -1.05 -4.46 -8.56
CA GLN A 152 0.39 -4.42 -8.42
C GLN A 152 0.71 -3.96 -7.01
N LEU A 153 1.66 -4.63 -6.38
CA LEU A 153 2.13 -4.27 -5.04
C LEU A 153 3.58 -3.81 -5.13
N VAL A 154 3.88 -2.65 -4.54
CA VAL A 154 5.23 -2.14 -4.52
C VAL A 154 5.66 -1.95 -3.08
N PHE A 155 6.75 -2.63 -2.70
CA PHE A 155 7.37 -2.49 -1.38
C PHE A 155 8.66 -1.70 -1.63
N PHE A 156 8.59 -0.41 -1.36
CA PHE A 156 9.72 0.49 -1.56
C PHE A 156 10.78 0.26 -0.51
N ASP A 157 12.03 0.35 -0.94
CA ASP A 157 13.17 0.33 -0.03
C ASP A 157 13.65 1.77 0.17
N GLY A 158 14.35 2.00 1.28
CA GLY A 158 15.03 3.26 1.51
C GLY A 158 14.16 4.48 1.61
N GLU A 159 12.94 4.32 2.09
CA GLU A 159 12.07 5.47 2.29
C GLU A 159 12.64 6.40 3.36
N GLU A 160 13.23 5.82 4.40
CA GLU A 160 13.69 6.60 5.55
C GLU A 160 15.03 7.31 5.29
N ALA A 161 15.17 8.48 5.87
CA ALA A 161 16.46 9.18 5.94
C ALA A 161 17.44 8.47 6.87
N PHE A 162 18.73 8.51 6.51
CA PHE A 162 19.79 7.99 7.37
C PHE A 162 20.19 9.01 8.44
N GLU A 163 20.14 10.29 8.09
CA GLU A 163 20.43 11.38 9.04
C GLU A 163 19.25 12.37 9.03
N ARG A 164 19.50 13.67 9.14
CA ARG A 164 18.37 14.61 9.15
C ARG A 164 17.73 14.65 7.77
N TRP A 165 16.42 14.44 7.73
CA TRP A 165 15.68 14.35 6.48
C TRP A 165 16.08 15.45 5.49
N SER A 166 16.33 15.05 4.24
CA SER A 166 16.48 16.00 3.12
C SER A 166 15.99 15.35 1.83
N SER A 167 15.84 16.16 0.78
CA SER A 167 15.46 15.63 -0.52
C SER A 167 16.49 14.63 -1.06
N HIS A 168 17.76 14.76 -0.67
CA HIS A 168 18.80 13.84 -1.09
C HIS A 168 18.97 12.64 -0.15
N ASP A 169 18.46 12.77 1.08
CA ASP A 169 18.55 11.69 2.06
C ASP A 169 17.16 11.28 2.51
N SER A 170 16.46 10.56 1.64
CA SER A 170 15.09 10.04 1.87
C SER A 170 14.59 9.49 0.55
N LEU A 171 13.54 8.67 0.59
CA LEU A 171 12.86 8.22 -0.62
C LEU A 171 13.80 7.63 -1.68
N TYR A 172 14.82 6.89 -1.25
CA TYR A 172 15.81 6.37 -2.20
C TYR A 172 15.17 5.43 -3.24
N GLY A 173 14.38 4.49 -2.73
CA GLY A 173 13.76 3.48 -3.57
C GLY A 173 12.71 4.10 -4.49
N SER A 174 11.84 4.95 -3.95
CA SER A 174 10.76 5.53 -4.78
C SER A 174 11.32 6.52 -5.78
N ARG A 175 12.30 7.34 -5.41
CA ARG A 175 12.90 8.23 -6.42
C ARG A 175 13.51 7.43 -7.57
N HIS A 176 14.22 6.35 -7.22
CA HIS A 176 14.84 5.51 -8.22
C HIS A 176 13.83 4.83 -9.14
N LEU A 177 12.77 4.27 -8.58
CA LEU A 177 11.79 3.54 -9.38
C LEU A 177 10.98 4.50 -10.29
N ALA A 178 10.60 5.66 -9.77
CA ALA A 178 9.83 6.63 -10.53
C ALA A 178 10.60 7.07 -11.77
N GLN A 179 11.89 7.31 -11.60
CA GLN A 179 12.77 7.66 -12.71
C GLN A 179 12.90 6.50 -13.70
N LYS A 180 13.17 5.30 -13.19
CA LYS A 180 13.32 4.11 -14.01
C LYS A 180 12.08 3.86 -14.86
N TRP A 181 10.91 3.96 -14.25
CA TRP A 181 9.67 3.71 -15.00
C TRP A 181 9.32 4.85 -15.95
N HIS A 182 9.66 6.07 -15.58
CA HIS A 182 9.42 7.19 -16.50
C HIS A 182 10.25 7.05 -17.78
N GLU A 183 11.49 6.57 -17.62
CA GLU A 183 12.40 6.46 -18.75
C GLU A 183 12.18 5.19 -19.58
N ASP A 184 11.40 4.25 -19.05
CA ASP A 184 11.09 3.01 -19.76
C ASP A 184 9.87 3.22 -20.66
N ARG A 185 10.13 3.46 -21.95
CA ARG A 185 9.08 3.84 -22.89
C ARG A 185 8.24 2.64 -23.32
N THR A 186 6.95 2.90 -23.53
CA THR A 186 6.05 1.88 -24.06
C THR A 186 4.86 2.60 -24.70
N SER A 187 3.93 1.84 -25.28
CA SER A 187 2.71 2.40 -25.86
C SER A 187 1.57 1.40 -25.75
N ALA A 188 0.35 1.88 -25.97
CA ALA A 188 -0.85 1.04 -25.86
C ALA A 188 -0.84 -0.23 -26.73
N GLU A 189 -0.20 -0.17 -27.90
CA GLU A 189 -0.21 -1.29 -28.86
C GLU A 189 0.67 -2.45 -28.40
N ARG A 190 1.59 -2.17 -27.48
CA ARG A 190 2.42 -3.19 -26.88
C ARG A 190 1.75 -3.83 -25.66
N LEU A 191 0.61 -3.28 -25.24
CA LEU A 191 -0.02 -3.67 -23.97
C LEU A 191 -1.43 -4.24 -24.20
N GLU A 192 -1.90 -4.98 -23.20
CA GLU A 192 -3.17 -5.70 -23.28
C GLU A 192 -4.34 -4.83 -22.78
N SER A 193 -5.25 -4.52 -23.69
CA SER A 193 -6.53 -3.86 -23.39
C SER A 193 -6.46 -2.55 -22.59
N CYS A 194 -5.64 -1.60 -23.04
CA CYS A 194 -5.72 -0.24 -22.48
C CYS A 194 -7.08 0.37 -22.76
N LEU A 195 -7.54 1.22 -21.85
CA LEU A 195 -8.75 1.98 -22.02
C LEU A 195 -8.64 2.87 -23.25
N GLU A 196 -9.78 3.06 -23.90
CA GLU A 196 -9.85 3.75 -25.19
C GLU A 196 -9.02 5.02 -25.30
N ARG A 197 -9.16 5.94 -24.36
CA ARG A 197 -8.53 7.26 -24.56
C ARG A 197 -7.26 7.43 -23.72
N SER A 198 -6.59 6.30 -23.46
CA SER A 198 -5.39 6.29 -22.65
C SER A 198 -4.22 6.94 -23.35
N GLU A 199 -3.42 7.66 -22.59
CA GLU A 199 -2.16 8.20 -23.08
C GLU A 199 -1.04 7.49 -22.35
N ILE A 200 -0.45 6.52 -23.05
CA ILE A 200 0.64 5.71 -22.52
C ILE A 200 1.91 5.97 -23.34
N ALA A 201 2.90 6.58 -22.68
CA ALA A 201 4.20 6.81 -23.28
C ALA A 201 5.33 6.10 -22.54
N ASN A 202 5.08 5.65 -21.30
CA ASN A 202 6.12 5.00 -20.50
C ASN A 202 5.44 4.20 -19.38
N GLN A 203 6.23 3.48 -18.58
CA GLN A 203 5.67 2.60 -17.56
C GLN A 203 4.92 3.36 -16.46
N ILE A 204 5.31 4.60 -16.17
CA ILE A 204 4.62 5.43 -15.16
C ILE A 204 3.14 5.59 -15.50
N ASP A 205 2.85 5.75 -16.78
CA ASP A 205 1.50 5.99 -17.22
C ASP A 205 0.55 4.82 -16.97
N ARG A 206 1.11 3.63 -16.75
CA ARG A 206 0.32 2.42 -16.48
C ARG A 206 -0.11 2.33 -15.03
N MET A 207 0.46 3.16 -14.16
CA MET A 207 0.02 3.25 -12.77
C MET A 207 -1.29 4.04 -12.76
N GLU A 208 -2.42 3.35 -12.67
CA GLU A 208 -3.71 4.01 -12.81
C GLU A 208 -3.99 4.87 -11.61
N VAL A 209 -3.62 4.35 -10.44
CA VAL A 209 -3.65 5.09 -9.20
C VAL A 209 -2.71 4.38 -8.24
N MET A 210 -2.02 5.13 -7.39
CA MET A 210 -1.16 4.50 -6.38
C MET A 210 -1.74 4.81 -5.02
N VAL A 211 -2.10 3.75 -4.30
CA VAL A 211 -2.66 3.82 -2.97
C VAL A 211 -1.53 3.45 -2.03
N LEU A 212 -0.99 4.46 -1.36
CA LEU A 212 0.16 4.30 -0.49
C LEU A 212 -0.26 4.25 0.98
N LEU A 213 0.01 3.11 1.62
CA LEU A 213 -0.31 2.88 3.02
C LEU A 213 0.91 3.19 3.85
N ASP A 214 0.77 3.97 4.92
CA ASP A 214 1.91 4.30 5.79
C ASP A 214 1.41 4.64 7.19
N LEU A 215 2.18 4.22 8.19
CA LEU A 215 1.90 4.57 9.58
C LEU A 215 0.54 4.06 10.03
N LEU A 216 0.23 2.82 9.68
CA LEU A 216 -1.02 2.19 10.06
C LEU A 216 -0.84 1.18 11.16
N GLY A 217 -1.85 1.05 12.01
CA GLY A 217 -1.86 0.07 13.08
C GLY A 217 -2.14 0.67 14.45
N ALA A 218 -2.06 1.99 14.57
CA ALA A 218 -2.39 2.65 15.82
C ALA A 218 -3.90 2.82 15.91
N GLU A 219 -4.40 3.05 17.12
CA GLU A 219 -5.81 3.17 17.35
C GLU A 219 -6.40 4.44 16.71
N ASN A 220 -7.55 4.27 16.07
CA ASN A 220 -8.37 5.41 15.61
C ASN A 220 -7.61 6.46 14.75
N PRO A 221 -7.09 6.01 13.61
CA PRO A 221 -6.47 6.92 12.68
C PRO A 221 -7.49 7.85 12.05
N ARG A 222 -7.03 9.04 11.64
CA ARG A 222 -7.83 9.97 10.89
C ARG A 222 -7.20 10.20 9.54
N PHE A 223 -7.93 9.83 8.49
CA PHE A 223 -7.52 10.06 7.11
C PHE A 223 -8.35 11.20 6.53
N TYR A 224 -7.78 11.87 5.55
CA TYR A 224 -8.45 12.92 4.77
C TYR A 224 -8.08 12.74 3.32
N SER A 225 -8.85 13.36 2.42
CA SER A 225 -8.45 13.34 1.01
C SER A 225 -7.39 14.37 0.72
N TYR A 226 -6.16 13.93 0.50
CA TYR A 226 -5.05 14.83 0.25
C TYR A 226 -4.96 15.33 -1.17
N PHE A 227 -5.67 14.70 -2.10
CA PHE A 227 -5.50 15.01 -3.51
C PHE A 227 -6.83 15.07 -4.23
N GLY A 228 -7.14 16.24 -4.80
CA GLY A 228 -8.36 16.41 -5.57
C GLY A 228 -8.43 15.41 -6.71
N GLU A 229 -7.26 15.13 -7.31
CA GLU A 229 -7.16 14.21 -8.44
C GLU A 229 -7.83 12.86 -8.18
N THR A 230 -7.72 12.38 -6.95
CA THR A 230 -8.22 11.05 -6.58
C THR A 230 -9.45 11.07 -5.66
N GLN A 231 -10.12 12.22 -5.56
CA GLN A 231 -11.36 12.33 -4.80
C GLN A 231 -12.38 11.24 -5.17
N PRO A 232 -12.53 10.90 -6.47
CA PRO A 232 -13.49 9.81 -6.77
C PRO A 232 -13.14 8.46 -6.15
N VAL A 233 -11.86 8.19 -6.01
CA VAL A 233 -11.40 6.91 -5.45
C VAL A 233 -11.46 6.98 -3.92
N TYR A 234 -10.99 8.09 -3.37
CA TYR A 234 -11.08 8.34 -1.93
C TYR A 234 -12.51 8.21 -1.41
N ARG A 235 -13.47 8.81 -2.12
CA ARG A 235 -14.88 8.69 -1.75
C ARG A 235 -15.39 7.24 -1.67
N ARG A 236 -14.76 6.33 -2.43
CA ARG A 236 -15.12 4.91 -2.33
C ARG A 236 -14.67 4.33 -1.00
N LEU A 237 -13.53 4.77 -0.49
CA LEU A 237 -13.10 4.34 0.83
C LEU A 237 -14.05 4.84 1.91
N VAL A 238 -14.45 6.11 1.82
CA VAL A 238 -15.45 6.66 2.73
C VAL A 238 -16.74 5.84 2.69
N ASN A 239 -17.22 5.55 1.49
CA ASN A 239 -18.46 4.80 1.30
C ASN A 239 -18.38 3.37 1.84
N ILE A 240 -17.28 2.68 1.51
CA ILE A 240 -17.09 1.32 1.97
C ILE A 240 -17.06 1.29 3.49
N GLU A 241 -16.30 2.20 4.08
CA GLU A 241 -16.26 2.25 5.54
C GLU A 241 -17.68 2.44 6.11
N SER A 242 -18.46 3.34 5.51
CA SER A 242 -19.82 3.59 5.99
C SER A 242 -20.69 2.33 5.88
N ARG A 243 -20.61 1.65 4.74
CA ARG A 243 -21.40 0.46 4.54
C ARG A 243 -21.02 -0.69 5.49
N LEU A 244 -19.73 -0.82 5.80
CA LEU A 244 -19.29 -1.84 6.71
C LEU A 244 -19.85 -1.60 8.12
N ASN A 245 -19.88 -0.35 8.55
CA ASN A 245 -20.51 0.03 9.79
C ASN A 245 -22.03 -0.25 9.77
N ASP A 246 -22.70 0.13 8.68
CA ASP A 246 -24.15 -0.12 8.53
C ASP A 246 -24.40 -1.62 8.72
N ALA A 247 -23.53 -2.44 8.12
CA ALA A 247 -23.63 -3.88 8.19
C ALA A 247 -23.23 -4.51 9.56
N GLY A 248 -22.70 -3.70 10.48
CA GLY A 248 -22.30 -4.20 11.79
C GLY A 248 -21.04 -5.05 11.74
N LEU A 249 -20.17 -4.76 10.78
CA LEU A 249 -18.98 -5.58 10.55
C LEU A 249 -17.70 -4.96 11.11
N MET A 250 -17.80 -3.80 11.74
CA MET A 250 -16.64 -3.17 12.37
C MET A 250 -16.55 -3.55 13.85
N GLU A 251 -15.32 -3.67 14.33
CA GLU A 251 -15.05 -3.95 15.74
C GLU A 251 -14.92 -2.63 16.47
N LEU A 252 -15.85 -2.37 17.39
CA LEU A 252 -15.81 -1.18 18.23
C LEU A 252 -15.93 -1.65 19.70
N PRO A 253 -15.48 -0.83 20.65
CA PRO A 253 -15.51 -1.22 22.08
C PRO A 253 -16.91 -1.29 22.68
N ARG A 254 -17.85 -0.53 22.10
CA ARG A 254 -19.23 -0.52 22.56
C ARG A 254 -20.17 -0.73 21.37
N ARG A 255 -21.32 -1.34 21.62
CA ARG A 255 -22.40 -1.41 20.63
C ARG A 255 -22.79 -0.01 20.20
N ARG A 256 -23.28 0.10 18.96
CA ARG A 256 -23.80 1.34 18.38
C ARG A 256 -22.78 2.47 18.14
N ARG A 257 -21.50 2.15 18.23
CA ARG A 257 -20.49 3.07 17.79
C ARG A 257 -20.15 2.73 16.34
N ARG A 258 -19.59 3.72 15.66
CA ARG A 258 -19.16 3.57 14.27
C ARG A 258 -17.72 4.05 14.15
N THR A 259 -16.97 3.44 13.23
CA THR A 259 -15.66 3.99 12.85
C THR A 259 -15.85 5.18 11.93
N ASN A 260 -14.92 6.12 11.98
CA ASN A 260 -14.93 7.31 11.15
C ASN A 260 -13.51 7.64 10.73
N TYR A 261 -12.79 6.63 10.25
CA TYR A 261 -11.39 6.80 9.89
C TYR A 261 -11.23 7.73 8.70
N PHE A 262 -12.01 7.48 7.65
CA PHE A 262 -11.93 8.25 6.43
C PHE A 262 -12.88 9.44 6.50
N SER A 263 -12.32 10.61 6.84
CA SER A 263 -13.11 11.85 6.91
C SER A 263 -13.59 12.19 5.52
N ASN A 264 -14.82 12.68 5.44
CA ASN A 264 -15.34 13.16 4.19
C ASN A 264 -14.97 14.61 4.00
N SER A 265 -13.69 14.89 4.07
CA SER A 265 -13.16 16.23 3.92
C SER A 265 -11.73 16.12 3.42
N SER A 266 -11.23 17.24 2.90
CA SER A 266 -9.84 17.39 2.55
C SER A 266 -9.15 18.16 3.66
N THR A 267 -7.83 18.10 3.66
CA THR A 267 -7.03 18.84 4.60
C THR A 267 -5.86 19.41 3.84
N VAL A 268 -5.33 20.52 4.33
CA VAL A 268 -4.18 21.15 3.70
C VAL A 268 -2.94 20.72 4.47
N GLY A 269 -2.17 19.85 3.87
CA GLY A 269 -0.98 19.32 4.51
C GLY A 269 -0.05 18.75 3.47
N PHE A 270 1.23 18.84 3.73
CA PHE A 270 2.25 18.31 2.84
C PHE A 270 3.07 17.27 3.59
N ILE A 271 2.94 16.02 3.17
CA ILE A 271 3.67 14.96 3.81
C ILE A 271 4.69 14.39 2.85
N GLU A 272 5.94 14.30 3.29
CA GLU A 272 6.98 13.67 2.50
C GLU A 272 6.89 12.14 2.66
N ASP A 273 6.76 11.45 1.54
CA ASP A 273 6.64 9.98 1.55
C ASP A 273 6.88 9.50 0.11
N ASP A 274 6.80 8.19 -0.08
CA ASP A 274 7.12 7.54 -1.35
C ASP A 274 6.26 7.93 -2.55
N HIS A 275 5.13 8.59 -2.30
CA HIS A 275 4.28 9.07 -3.40
C HIS A 275 4.86 10.26 -4.15
N ILE A 276 5.73 11.03 -3.49
CA ILE A 276 6.18 12.32 -4.00
C ILE A 276 6.82 12.20 -5.40
N PRO A 277 7.77 11.26 -5.59
CA PRO A 277 8.38 11.15 -6.93
C PRO A 277 7.40 10.74 -8.04
N PHE A 278 6.30 10.11 -7.67
CA PHE A 278 5.27 9.71 -8.63
C PHE A 278 4.28 10.85 -8.86
N LEU A 279 3.88 11.52 -7.78
CA LEU A 279 3.08 12.76 -7.86
C LEU A 279 3.70 13.75 -8.83
N LYS A 280 5.02 13.88 -8.80
CA LYS A 280 5.74 14.79 -9.69
C LYS A 280 5.69 14.39 -11.17
N ARG A 281 5.31 13.14 -11.44
CA ARG A 281 5.10 12.64 -12.79
C ARG A 281 3.61 12.38 -13.04
N SER A 282 2.79 13.03 -12.21
CA SER A 282 1.32 13.10 -12.33
C SER A 282 0.61 11.74 -12.23
N VAL A 283 1.22 10.81 -11.50
CA VAL A 283 0.52 9.60 -11.06
C VAL A 283 -0.54 10.00 -10.01
N PRO A 284 -1.80 9.58 -10.20
CA PRO A 284 -2.79 9.84 -9.15
C PRO A 284 -2.46 9.12 -7.84
N ILE A 285 -2.51 9.85 -6.73
CA ILE A 285 -2.17 9.31 -5.41
C ILE A 285 -3.36 9.34 -4.46
N VAL A 286 -3.60 8.21 -3.78
CA VAL A 286 -4.38 8.17 -2.55
C VAL A 286 -3.38 7.82 -1.45
N HIS A 287 -3.22 8.72 -0.49
CA HIS A 287 -2.24 8.57 0.57
C HIS A 287 -2.95 8.18 1.85
N ILE A 288 -2.92 6.89 2.17
CA ILE A 288 -3.60 6.38 3.36
C ILE A 288 -2.59 6.42 4.51
N ILE A 289 -2.49 7.59 5.10
CA ILE A 289 -1.59 7.90 6.19
C ILE A 289 -2.39 8.76 7.16
N PRO A 290 -2.29 8.51 8.48
CA PRO A 290 -3.07 9.32 9.42
C PRO A 290 -2.56 10.74 9.61
N SER A 291 -3.47 11.63 9.96
CA SER A 291 -3.11 12.98 10.38
C SER A 291 -3.92 13.33 11.61
N PRO A 292 -3.27 13.49 12.76
CA PRO A 292 -1.83 13.45 13.00
C PRO A 292 -1.21 12.05 12.90
N PHE A 293 0.11 12.01 12.78
CA PHE A 293 0.84 10.73 12.87
C PHE A 293 0.57 10.10 14.24
N PRO A 294 0.68 8.75 14.32
CA PRO A 294 0.60 8.07 15.63
C PRO A 294 1.54 8.70 16.65
N ASP A 295 1.11 8.72 17.92
CA ASP A 295 1.94 9.27 18.98
C ASP A 295 3.32 8.64 19.04
N VAL A 296 3.42 7.36 18.68
CA VAL A 296 4.69 6.63 18.76
C VAL A 296 5.65 6.91 17.58
N TRP A 297 5.23 7.72 16.63
CA TRP A 297 6.02 8.01 15.43
C TRP A 297 7.50 8.28 15.69
N HIS A 298 8.37 7.46 15.10
CA HIS A 298 9.82 7.61 15.16
C HIS A 298 10.34 7.59 16.62
N THR A 299 9.59 6.91 17.50
CA THR A 299 10.06 6.63 18.85
C THR A 299 10.28 5.14 19.02
N LEU A 300 11.02 4.79 20.07
CA LEU A 300 11.25 3.38 20.38
C LEU A 300 10.00 2.64 20.79
N ASP A 301 8.92 3.36 21.07
CA ASP A 301 7.64 2.75 21.40
C ASP A 301 6.80 2.36 20.19
N ASP A 302 7.30 2.56 18.96
CA ASP A 302 6.58 2.08 17.78
C ASP A 302 6.83 0.60 17.59
N ASN A 303 6.13 -0.18 18.42
CA ASN A 303 6.40 -1.60 18.60
C ASN A 303 5.12 -2.41 18.56
N GLU A 304 5.24 -3.70 18.70
CA GLU A 304 4.10 -4.58 18.51
C GLU A 304 2.98 -4.31 19.52
N GLN A 305 3.33 -4.06 20.77
CA GLN A 305 2.27 -3.95 21.79
C GLN A 305 1.43 -2.67 21.68
N ASN A 306 1.97 -1.65 21.00
CA ASN A 306 1.24 -0.40 20.80
C ASN A 306 0.35 -0.45 19.57
N LEU A 307 0.39 -1.55 18.85
CA LEU A 307 -0.59 -1.76 17.79
C LEU A 307 -1.97 -1.98 18.40
N HIS A 308 -3.00 -1.60 17.64
CA HIS A 308 -4.37 -1.78 18.05
C HIS A 308 -5.04 -2.76 17.09
N HIS A 309 -5.20 -4.00 17.54
CA HIS A 309 -5.66 -5.06 16.63
C HIS A 309 -7.05 -4.85 16.08
N PRO A 310 -7.99 -4.34 16.87
CA PRO A 310 -9.32 -4.11 16.27
C PRO A 310 -9.29 -3.11 15.11
N THR A 311 -8.48 -2.06 15.23
CA THR A 311 -8.33 -1.09 14.14
C THR A 311 -7.73 -1.77 12.92
N ILE A 312 -6.70 -2.59 13.13
CA ILE A 312 -6.06 -3.27 11.99
C ILE A 312 -7.09 -4.15 11.28
N SER A 313 -7.89 -4.89 12.04
CA SER A 313 -8.91 -5.75 11.44
C SER A 313 -9.92 -4.93 10.64
N ASN A 314 -10.34 -3.81 11.21
CA ASN A 314 -11.27 -2.90 10.52
C ASN A 314 -10.67 -2.38 9.22
N LEU A 315 -9.42 -1.97 9.27
CA LEU A 315 -8.75 -1.46 8.05
C LEU A 315 -8.63 -2.56 7.00
N ASN A 316 -8.30 -3.77 7.43
CA ASN A 316 -8.20 -4.91 6.51
C ASN A 316 -9.53 -5.14 5.78
N LYS A 317 -10.65 -5.00 6.49
CA LYS A 317 -11.97 -5.14 5.85
C LYS A 317 -12.21 -4.06 4.81
N ILE A 318 -11.89 -2.82 5.15
CA ILE A 318 -12.03 -1.72 4.21
C ILE A 318 -11.16 -1.98 2.97
N PHE A 319 -9.90 -2.35 3.19
CA PHE A 319 -8.99 -2.57 2.06
C PHE A 319 -9.39 -3.75 1.16
N LYS A 320 -9.82 -4.86 1.77
CA LYS A 320 -10.31 -5.99 0.99
C LYS A 320 -11.52 -5.58 0.16
N ALA A 321 -12.49 -4.93 0.79
CA ALA A 321 -13.68 -4.46 0.05
C ALA A 321 -13.31 -3.45 -1.05
N PHE A 322 -12.33 -2.59 -0.79
CA PHE A 322 -11.90 -1.61 -1.78
C PHE A 322 -11.28 -2.29 -3.00
N VAL A 323 -10.39 -3.24 -2.77
CA VAL A 323 -9.77 -3.96 -3.90
C VAL A 323 -10.85 -4.75 -4.64
N SER A 324 -11.76 -5.39 -3.92
CA SER A 324 -12.85 -6.14 -4.57
C SER A 324 -13.69 -5.22 -5.43
N GLU A 325 -13.98 -4.02 -4.92
CA GLU A 325 -14.77 -3.06 -5.69
C GLU A 325 -14.04 -2.59 -6.94
N TYR A 326 -12.77 -2.22 -6.78
CA TYR A 326 -12.03 -1.63 -7.87
C TYR A 326 -11.82 -2.62 -9.00
N LEU A 327 -11.47 -3.85 -8.65
CA LEU A 327 -11.20 -4.92 -9.60
C LEU A 327 -12.44 -5.76 -9.96
N GLN A 328 -13.57 -5.43 -9.35
CA GLN A 328 -14.82 -6.20 -9.49
C GLN A 328 -14.59 -7.70 -9.28
N LEU A 329 -14.02 -8.03 -8.13
CA LEU A 329 -13.68 -9.41 -7.82
C LEU A 329 -14.89 -10.29 -7.55
CD CD B . 9.15 6.64 9.20
C BCT C . 7.69 8.13 7.32
O1 BCT C . 7.01 8.68 6.39
O2 BCT C . 7.27 8.16 8.50
O3 BCT C . 8.79 7.57 7.08
#